data_4MCZ
#
_entry.id   4MCZ
#
_cell.length_a   67.110
_cell.length_b   183.430
_cell.length_c   77.280
_cell.angle_alpha   90.00
_cell.angle_beta   90.00
_cell.angle_gamma   90.00
#
_symmetry.space_group_name_H-M   'C 2 2 21'
#
loop_
_entity.id
_entity.type
_entity.pdbx_description
1 polymer 'HLA class II histocompatibility antigen, DR alpha chain'
2 polymer 'HLA class II histocompatibility antigen, DRB1-4 beta chain'
3 polymer 'Citrullinated Vimentin'
4 non-polymer 2-acetamido-2-deoxy-beta-D-glucopyranose
5 water water
#
loop_
_entity_poly.entity_id
_entity_poly.type
_entity_poly.pdbx_seq_one_letter_code
_entity_poly.pdbx_strand_id
1 'polypeptide(L)'
;IKEEHVIIQAEFYLNPDQSGEFMFDFDGDEIFHVDMAKKETVWRLEEFGRFASFEAQGALANIAVDKANLEIMTKRSNYT
PITNVPPEVTVLTNSPVELREPNVLICFIDKFTPPVVNVTWLRNGKPVTTGVSETVFLPREDHLFRKFHYLPFLPSTEDV
YDCRVEHWGLDEPLLKHWEFDTSGDDDDK
;
A
2 'polypeptide(L)'
;GSGDTRPRFLEQVKHECHFFNGTERVRFLDRYFYHQEEYVRFDSDVGEYRAVTELGRPDAEYWNSQKDLLEQKRAAVDTY
CRHNYGVGESFTVQRRVYPEVTVYPAKTQPLQHHNLLVCSVNGFYPGSIEVRWFRNGQEEKTGVVSTGLIQNGDWTFQTL
VMLETVPRSGEVYTCQVEHPSLTSPLTVEWRATGGDDDDK
;
B
3 'polypeptide(L)' GVYAT(CIR)SSAVRLR C
#
# COMPACT_ATOMS: atom_id res chain seq x y z
N GLU A 3 -12.93 4.76 12.33
CA GLU A 3 -12.67 3.33 12.38
C GLU A 3 -11.24 3.07 12.85
N GLU A 4 -11.03 1.90 13.45
CA GLU A 4 -9.70 1.55 13.93
C GLU A 4 -8.88 0.81 12.88
N HIS A 5 -9.53 -0.13 12.22
CA HIS A 5 -8.83 -0.95 11.26
C HIS A 5 -9.73 -1.34 10.09
N VAL A 6 -9.10 -1.61 8.96
CA VAL A 6 -9.81 -2.08 7.78
C VAL A 6 -9.07 -3.26 7.18
N ILE A 7 -9.81 -4.32 6.87
CA ILE A 7 -9.24 -5.46 6.17
C ILE A 7 -9.95 -5.59 4.84
N ILE A 8 -9.18 -5.63 3.76
CA ILE A 8 -9.77 -5.69 2.44
C ILE A 8 -9.23 -6.90 1.68
N GLN A 9 -10.13 -7.69 1.14
CA GLN A 9 -9.77 -8.72 0.19
C GLN A 9 -9.96 -8.11 -1.20
N ALA A 10 -8.85 -7.83 -1.87
CA ALA A 10 -8.91 -7.12 -3.14
C ALA A 10 -8.53 -8.06 -4.27
N GLU A 11 -9.31 -8.02 -5.34
CA GLU A 11 -9.10 -8.90 -6.47
C GLU A 11 -9.17 -8.08 -7.74
N PHE A 12 -8.46 -8.49 -8.77
CA PHE A 12 -8.70 -7.96 -10.11
C PHE A 12 -8.48 -8.98 -11.23
N TYR A 13 -9.11 -8.73 -12.37
CA TYR A 13 -8.82 -9.48 -13.59
C TYR A 13 -8.75 -8.50 -14.76
N LEU A 14 -7.73 -8.67 -15.59
CA LEU A 14 -7.47 -7.73 -16.66
C LEU A 14 -7.42 -8.41 -18.03
N ASN A 15 -8.22 -7.90 -18.97
CA ASN A 15 -8.16 -8.33 -20.36
C ASN A 15 -7.51 -7.24 -21.20
N PRO A 16 -6.82 -7.62 -22.29
CA PRO A 16 -6.67 -8.98 -22.83
C PRO A 16 -5.48 -9.71 -22.23
N ASP A 17 -4.85 -9.11 -21.23
CA ASP A 17 -3.63 -9.66 -20.65
C ASP A 17 -3.90 -10.99 -19.94
N GLN A 18 -5.15 -11.20 -19.55
CA GLN A 18 -5.54 -12.38 -18.78
C GLN A 18 -4.74 -12.49 -17.50
N SER A 19 -4.55 -11.35 -16.84
CA SER A 19 -3.88 -11.30 -15.54
C SER A 19 -4.89 -11.14 -14.41
N GLY A 20 -4.77 -11.99 -13.39
CA GLY A 20 -5.65 -11.91 -12.23
C GLY A 20 -4.90 -11.97 -10.91
N GLU A 21 -5.28 -11.10 -9.98
CA GLU A 21 -4.59 -11.01 -8.69
C GLU A 21 -5.59 -11.14 -7.54
N PHE A 22 -5.10 -11.65 -6.40
CA PHE A 22 -5.93 -11.82 -5.21
C PHE A 22 -5.04 -11.51 -4.01
N MET A 23 -5.46 -10.59 -3.15
CA MET A 23 -4.66 -10.26 -1.97
C MET A 23 -5.49 -9.76 -0.79
N PHE A 24 -4.89 -9.77 0.39
CA PHE A 24 -5.49 -9.19 1.59
C PHE A 24 -4.69 -7.99 2.09
N ASP A 25 -5.40 -6.95 2.48
CA ASP A 25 -4.75 -5.72 2.94
C ASP A 25 -5.21 -5.41 4.37
N PHE A 26 -4.26 -5.02 5.21
CA PHE A 26 -4.59 -4.57 6.56
C PHE A 26 -4.05 -3.15 6.73
N ASP A 27 -4.95 -2.19 6.87
CA ASP A 27 -4.59 -0.79 7.09
C ASP A 27 -3.58 -0.26 6.06
N GLY A 28 -3.66 -0.76 4.82
CA GLY A 28 -2.80 -0.29 3.76
C GLY A 28 -1.57 -1.14 3.53
N ASP A 29 -1.37 -2.16 4.36
CA ASP A 29 -0.28 -3.11 4.14
C ASP A 29 -0.77 -4.48 3.70
N GLU A 30 0.03 -5.17 2.88
CA GLU A 30 -0.36 -6.47 2.35
C GLU A 30 -0.13 -7.57 3.36
N ILE A 31 -1.17 -8.34 3.66
CA ILE A 31 -0.99 -9.51 4.51
C ILE A 31 -0.40 -10.66 3.70
N PHE A 32 -1.05 -10.96 2.58
CA PHE A 32 -0.58 -11.97 1.65
C PHE A 32 -1.21 -11.78 0.28
N HIS A 33 -0.65 -12.45 -0.72
CA HIS A 33 -1.32 -12.59 -2.00
C HIS A 33 -1.22 -14.05 -2.43
N VAL A 34 -1.98 -14.42 -3.46
CA VAL A 34 -1.90 -15.77 -3.99
C VAL A 34 -1.17 -15.79 -5.32
N ASP A 35 -0.10 -16.60 -5.39
CA ASP A 35 0.59 -16.85 -6.65
C ASP A 35 -0.35 -17.73 -7.47
N MET A 36 -0.98 -17.13 -8.47
CA MET A 36 -2.02 -17.80 -9.24
C MET A 36 -1.44 -18.96 -10.04
N ALA A 37 -0.24 -18.77 -10.59
CA ALA A 37 0.42 -19.79 -11.40
C ALA A 37 0.85 -21.01 -10.57
N LYS A 38 1.35 -20.77 -9.37
CA LYS A 38 1.82 -21.83 -8.48
C LYS A 38 0.71 -22.35 -7.57
N LYS A 39 -0.42 -21.65 -7.55
CA LYS A 39 -1.53 -21.98 -6.67
C LYS A 39 -1.04 -22.02 -5.23
N GLU A 40 -0.29 -20.98 -4.84
CA GLU A 40 0.26 -20.88 -3.50
C GLU A 40 0.06 -19.53 -2.79
N THR A 41 -0.07 -19.60 -1.47
CA THR A 41 -0.20 -18.42 -0.64
C THR A 41 1.18 -17.85 -0.35
N VAL A 42 1.38 -16.56 -0.64
CA VAL A 42 2.67 -15.91 -0.41
C VAL A 42 2.51 -14.87 0.68
N TRP A 43 3.03 -15.15 1.87
CA TRP A 43 2.91 -14.23 2.98
C TRP A 43 3.91 -13.09 2.83
N ARG A 44 3.47 -11.86 3.15
CA ARG A 44 4.31 -10.68 2.92
C ARG A 44 5.52 -10.69 3.85
N LEU A 45 5.28 -11.08 5.11
CA LEU A 45 6.34 -11.38 6.05
C LEU A 45 6.25 -12.86 6.38
N GLU A 46 7.38 -13.56 6.36
CA GLU A 46 7.39 -15.01 6.56
C GLU A 46 6.75 -15.39 7.90
N GLU A 47 6.90 -14.53 8.90
CA GLU A 47 6.36 -14.78 10.23
C GLU A 47 4.84 -14.97 10.18
N PHE A 48 4.17 -14.29 9.26
CA PHE A 48 2.71 -14.33 9.18
C PHE A 48 2.22 -15.78 8.99
N GLY A 49 2.96 -16.53 8.20
CA GLY A 49 2.56 -17.88 7.84
C GLY A 49 2.74 -18.92 8.95
N ARG A 50 3.39 -18.52 10.03
CA ARG A 50 3.55 -19.41 11.18
C ARG A 50 2.32 -19.35 12.06
N PHE A 51 1.53 -18.28 11.89
CA PHE A 51 0.38 -18.02 12.75
C PHE A 51 -0.95 -18.25 12.02
N ALA A 52 -0.91 -18.20 10.70
CA ALA A 52 -2.14 -18.32 9.91
C ALA A 52 -1.92 -19.14 8.66
N SER A 53 -3.02 -19.58 8.06
CA SER A 53 -2.98 -20.32 6.81
C SER A 53 -4.05 -19.77 5.89
N PHE A 54 -3.94 -20.07 4.60
CA PHE A 54 -4.98 -19.71 3.65
C PHE A 54 -5.07 -20.72 2.51
N GLU A 55 -6.28 -21.22 2.27
CA GLU A 55 -6.50 -22.16 1.18
C GLU A 55 -6.50 -21.41 -0.15
N ALA A 56 -5.38 -21.50 -0.86
CA ALA A 56 -5.15 -20.76 -2.09
C ALA A 56 -6.21 -21.04 -3.15
N GLN A 57 -6.79 -22.24 -3.12
CA GLN A 57 -7.77 -22.65 -4.12
C GLN A 57 -8.97 -21.72 -4.17
N GLY A 58 -9.37 -21.18 -3.01
CA GLY A 58 -10.50 -20.28 -2.99
C GLY A 58 -10.24 -19.03 -3.80
N ALA A 59 -8.98 -18.59 -3.84
CA ALA A 59 -8.63 -17.43 -4.63
C ALA A 59 -8.83 -17.71 -6.12
N LEU A 60 -8.48 -18.94 -6.51
CA LEU A 60 -8.61 -19.37 -7.90
C LEU A 60 -10.05 -19.32 -8.38
N ALA A 61 -10.96 -19.74 -7.50
CA ALA A 61 -12.38 -19.77 -7.78
C ALA A 61 -12.93 -18.36 -7.99
N ASN A 62 -12.49 -17.46 -7.12
CA ASN A 62 -12.90 -16.06 -7.22
C ASN A 62 -12.44 -15.40 -8.50
N ILE A 63 -11.19 -15.67 -8.88
CA ILE A 63 -10.61 -15.09 -10.09
C ILE A 63 -11.35 -15.58 -11.33
N ALA A 64 -11.78 -16.84 -11.30
CA ALA A 64 -12.56 -17.40 -12.40
C ALA A 64 -13.90 -16.68 -12.55
N VAL A 65 -14.53 -16.36 -11.43
CA VAL A 65 -15.78 -15.61 -11.44
C VAL A 65 -15.55 -14.19 -11.98
N ASP A 66 -14.44 -13.58 -11.54
CA ASP A 66 -14.08 -12.23 -11.96
C ASP A 66 -13.83 -12.17 -13.47
N LYS A 67 -13.22 -13.23 -14.01
CA LYS A 67 -12.97 -13.33 -15.43
C LYS A 67 -14.29 -13.37 -16.21
N ALA A 68 -15.21 -14.20 -15.74
CA ALA A 68 -16.53 -14.32 -16.34
C ALA A 68 -17.31 -13.03 -16.18
N ASN A 69 -17.19 -12.41 -15.02
CA ASN A 69 -17.84 -11.14 -14.77
C ASN A 69 -17.34 -9.99 -15.62
N LEU A 70 -16.03 -9.96 -15.87
CA LEU A 70 -15.42 -8.94 -16.72
C LEU A 70 -15.96 -8.97 -18.15
N GLU A 71 -16.12 -10.17 -18.70
CA GLU A 71 -16.69 -10.37 -20.03
C GLU A 71 -18.07 -9.75 -20.15
N ILE A 72 -18.92 -10.07 -19.19
CA ILE A 72 -20.28 -9.57 -19.13
C ILE A 72 -20.28 -8.04 -19.03
N MET A 73 -19.50 -7.51 -18.10
N MET A 73 -19.48 -7.51 -18.13
CA MET A 73 -19.43 -6.08 -17.87
CA MET A 73 -19.47 -6.07 -17.88
C MET A 73 -18.88 -5.32 -19.07
C MET A 73 -18.86 -5.30 -19.06
N THR A 74 -17.86 -5.89 -19.71
CA THR A 74 -17.26 -5.32 -20.90
C THR A 74 -18.31 -5.14 -21.98
N LYS A 75 -19.11 -6.19 -22.16
CA LYS A 75 -20.20 -6.20 -23.10
C LYS A 75 -21.28 -5.17 -22.74
N ARG A 76 -21.65 -5.13 -21.46
CA ARG A 76 -22.66 -4.20 -20.95
C ARG A 76 -22.27 -2.72 -21.18
N SER A 77 -20.98 -2.43 -21.08
CA SER A 77 -20.46 -1.07 -21.23
C SER A 77 -20.28 -0.65 -22.69
N ASN A 78 -20.70 -1.53 -23.60
CA ASN A 78 -20.47 -1.35 -25.04
C ASN A 78 -18.97 -1.27 -25.34
N TYR A 79 -18.21 -2.14 -24.68
CA TYR A 79 -16.76 -2.25 -24.87
C TYR A 79 -15.99 -0.95 -24.64
N THR A 80 -16.36 -0.23 -23.58
CA THR A 80 -15.64 0.97 -23.19
C THR A 80 -14.38 0.56 -22.43
N PRO A 81 -13.20 0.91 -22.97
CA PRO A 81 -11.94 0.48 -22.35
C PRO A 81 -11.48 1.41 -21.23
N ILE A 82 -10.49 0.96 -20.46
CA ILE A 82 -9.92 1.77 -19.39
C ILE A 82 -9.11 2.94 -19.94
N THR A 83 -9.13 4.05 -19.21
CA THR A 83 -8.28 5.19 -19.53
C THR A 83 -6.99 5.04 -18.74
N ASN A 84 -5.86 5.11 -19.43
CA ASN A 84 -4.56 5.00 -18.77
C ASN A 84 -4.31 6.16 -17.81
N VAL A 85 -3.85 5.82 -16.61
CA VAL A 85 -3.43 6.83 -15.65
C VAL A 85 -1.98 6.56 -15.31
N PRO A 86 -1.06 7.44 -15.74
CA PRO A 86 0.36 7.16 -15.54
C PRO A 86 0.75 7.33 -14.08
N PRO A 87 1.79 6.60 -13.64
CA PRO A 87 2.23 6.61 -12.24
C PRO A 87 3.06 7.82 -11.81
N GLU A 88 3.01 8.12 -10.52
CA GLU A 88 4.01 8.95 -9.86
C GLU A 88 5.06 8.00 -9.32
N VAL A 89 6.32 8.36 -9.47
CA VAL A 89 7.41 7.49 -9.06
C VAL A 89 8.30 8.25 -8.09
N THR A 90 8.64 7.58 -6.99
CA THR A 90 9.55 8.16 -6.01
C THR A 90 10.63 7.16 -5.63
N VAL A 91 11.86 7.65 -5.52
CA VAL A 91 12.95 6.80 -5.07
C VAL A 91 13.49 7.32 -3.76
N LEU A 92 13.62 6.42 -2.78
CA LEU A 92 14.15 6.76 -1.48
C LEU A 92 14.90 5.58 -0.88
N THR A 93 15.64 5.83 0.20
CA THR A 93 16.29 4.76 0.95
C THR A 93 15.44 4.50 2.19
N ASN A 94 15.52 3.29 2.73
CA ASN A 94 14.73 2.95 3.92
C ASN A 94 15.34 3.40 5.25
N SER A 95 16.58 3.86 5.20
CA SER A 95 17.23 4.45 6.36
C SER A 95 18.24 5.51 5.90
N PRO A 96 18.67 6.40 6.81
CA PRO A 96 19.69 7.38 6.44
C PRO A 96 20.93 6.72 5.85
N VAL A 97 21.49 7.34 4.81
CA VAL A 97 22.60 6.76 4.07
C VAL A 97 23.95 7.07 4.68
N GLU A 98 24.76 6.03 4.89
CA GLU A 98 26.14 6.17 5.29
C GLU A 98 27.01 5.35 4.32
N LEU A 99 28.16 5.88 3.94
CA LEU A 99 29.08 5.23 2.99
C LEU A 99 29.42 3.82 3.46
N ARG A 100 29.39 2.85 2.54
CA ARG A 100 29.66 1.43 2.90
C ARG A 100 28.93 0.82 4.12
N GLU A 101 27.74 1.38 4.38
CA GLU A 101 26.82 0.76 5.31
C GLU A 101 25.62 0.26 4.51
N PRO A 102 25.40 -1.07 4.51
CA PRO A 102 24.34 -1.70 3.71
C PRO A 102 23.00 -0.99 3.87
N ASN A 103 22.34 -0.71 2.74
CA ASN A 103 21.06 0.00 2.75
C ASN A 103 20.15 -0.60 1.68
N VAL A 104 18.96 -0.05 1.53
CA VAL A 104 18.04 -0.51 0.51
C VAL A 104 17.40 0.67 -0.21
N LEU A 105 17.48 0.64 -1.54
CA LEU A 105 16.76 1.61 -2.34
C LEU A 105 15.33 1.14 -2.56
N ILE A 106 14.39 2.06 -2.41
CA ILE A 106 12.98 1.76 -2.64
C ILE A 106 12.45 2.58 -3.81
N CYS A 107 11.83 1.90 -4.76
CA CYS A 107 11.13 2.58 -5.84
C CYS A 107 9.64 2.46 -5.60
N PHE A 108 8.99 3.59 -5.35
CA PHE A 108 7.57 3.58 -5.08
C PHE A 108 6.83 4.04 -6.31
N ILE A 109 5.97 3.16 -6.83
CA ILE A 109 5.23 3.45 -8.04
C ILE A 109 3.78 3.55 -7.62
N ASP A 110 3.18 4.72 -7.85
CA ASP A 110 1.92 5.04 -7.20
C ASP A 110 0.88 5.69 -8.11
N LYS A 111 -0.38 5.52 -7.74
CA LYS A 111 -1.48 6.25 -8.36
C LYS A 111 -1.62 6.00 -9.86
N PHE A 112 -1.60 4.72 -10.26
CA PHE A 112 -1.68 4.37 -11.68
C PHE A 112 -2.68 3.25 -11.97
N THR A 113 -3.10 3.18 -13.23
CA THR A 113 -3.91 2.08 -13.74
C THR A 113 -3.82 2.11 -15.27
N PRO A 114 -3.93 0.93 -15.93
CA PRO A 114 -4.14 -0.43 -15.43
C PRO A 114 -2.92 -0.98 -14.68
N PRO A 115 -3.09 -2.07 -13.93
CA PRO A 115 -1.99 -2.66 -13.16
C PRO A 115 -1.01 -3.45 -14.03
N VAL A 116 -0.29 -2.74 -14.90
CA VAL A 116 0.78 -3.32 -15.71
C VAL A 116 1.92 -2.33 -15.83
N VAL A 117 3.12 -2.75 -15.44
CA VAL A 117 4.29 -1.88 -15.48
C VAL A 117 5.56 -2.69 -15.74
N ASN A 118 6.50 -2.07 -16.43
CA ASN A 118 7.84 -2.63 -16.53
C ASN A 118 8.73 -1.75 -15.66
N VAL A 119 9.43 -2.36 -14.70
CA VAL A 119 10.30 -1.61 -13.81
C VAL A 119 11.73 -2.15 -13.86
N THR A 120 12.69 -1.27 -14.06
CA THR A 120 14.10 -1.66 -14.09
C THR A 120 14.95 -0.79 -13.17
N TRP A 121 15.80 -1.43 -12.37
CA TRP A 121 16.80 -0.72 -11.60
C TRP A 121 18.04 -0.53 -12.46
N LEU A 122 18.57 0.69 -12.46
CA LEU A 122 19.78 0.98 -13.21
C LEU A 122 20.89 1.45 -12.28
N ARG A 123 22.07 0.88 -12.43
CA ARG A 123 23.24 1.36 -11.71
C ARG A 123 24.23 1.86 -12.75
N ASN A 124 24.52 3.15 -12.68
CA ASN A 124 25.36 3.81 -13.67
C ASN A 124 24.86 3.58 -15.10
N GLY A 125 23.54 3.57 -15.27
CA GLY A 125 22.94 3.41 -16.58
C GLY A 125 22.80 1.98 -17.05
N LYS A 126 23.16 1.03 -16.20
CA LYS A 126 23.10 -0.39 -16.56
C LYS A 126 22.09 -1.14 -15.70
N PRO A 127 21.30 -2.02 -16.33
CA PRO A 127 20.29 -2.81 -15.61
C PRO A 127 20.93 -3.72 -14.57
N VAL A 128 20.34 -3.74 -13.37
CA VAL A 128 20.79 -4.61 -12.29
C VAL A 128 19.63 -5.42 -11.74
N THR A 129 19.88 -6.69 -11.42
CA THR A 129 18.82 -7.57 -10.96
C THR A 129 19.22 -8.34 -9.70
N THR A 130 20.48 -8.25 -9.32
CA THR A 130 20.97 -8.97 -8.15
C THR A 130 20.34 -8.47 -6.85
N GLY A 131 19.57 -9.34 -6.19
CA GLY A 131 19.03 -9.03 -4.88
C GLY A 131 17.74 -8.25 -4.93
N VAL A 132 17.26 -7.93 -6.12
CA VAL A 132 16.04 -7.14 -6.25
C VAL A 132 14.81 -7.93 -5.84
N SER A 133 13.79 -7.22 -5.41
CA SER A 133 12.52 -7.83 -5.06
C SER A 133 11.41 -6.83 -5.34
N GLU A 134 10.16 -7.26 -5.25
CA GLU A 134 9.05 -6.40 -5.58
C GLU A 134 7.76 -6.92 -4.97
N THR A 135 6.80 -6.03 -4.80
CA THR A 135 5.48 -6.41 -4.34
C THR A 135 4.56 -6.64 -5.53
N VAL A 136 3.41 -7.24 -5.27
CA VAL A 136 2.35 -7.28 -6.27
C VAL A 136 1.70 -5.91 -6.35
N PHE A 137 0.67 -5.79 -7.16
CA PHE A 137 -0.05 -4.52 -7.27
C PHE A 137 -0.93 -4.32 -6.04
N LEU A 138 -0.80 -3.16 -5.41
CA LEU A 138 -1.50 -2.92 -4.15
C LEU A 138 -2.64 -1.93 -4.39
N PRO A 139 -3.80 -2.18 -3.77
CA PRO A 139 -4.98 -1.35 -4.03
C PRO A 139 -4.95 0.00 -3.34
N ARG A 140 -5.49 1.02 -4.01
CA ARG A 140 -5.67 2.32 -3.39
C ARG A 140 -7.16 2.58 -3.17
N GLU A 141 -7.47 3.47 -2.25
CA GLU A 141 -8.86 3.81 -1.95
C GLU A 141 -9.57 4.53 -3.11
N ASP A 142 -8.78 5.07 -4.03
CA ASP A 142 -9.33 5.68 -5.23
C ASP A 142 -9.36 4.67 -6.38
N HIS A 143 -9.01 3.43 -6.04
CA HIS A 143 -9.16 2.28 -6.94
C HIS A 143 -8.14 2.28 -8.08
N LEU A 144 -7.12 3.12 -7.93
CA LEU A 144 -5.89 2.97 -8.70
C LEU A 144 -4.99 1.99 -7.96
N PHE A 145 -3.72 1.91 -8.36
CA PHE A 145 -2.82 0.93 -7.77
C PHE A 145 -1.49 1.54 -7.36
N ARG A 146 -0.75 0.83 -6.52
CA ARG A 146 0.62 1.22 -6.20
C ARG A 146 1.47 -0.03 -6.12
N LYS A 147 2.79 0.14 -6.10
CA LYS A 147 3.69 -0.99 -6.15
C LYS A 147 5.05 -0.57 -5.63
N PHE A 148 5.78 -1.51 -5.03
CA PHE A 148 7.13 -1.24 -4.51
C PHE A 148 8.15 -2.16 -5.15
N HIS A 149 9.30 -1.59 -5.50
CA HIS A 149 10.44 -2.38 -5.94
C HIS A 149 11.64 -2.07 -5.04
N TYR A 150 12.48 -3.07 -4.79
CA TYR A 150 13.57 -2.91 -3.83
C TYR A 150 14.92 -3.32 -4.40
N LEU A 151 15.95 -2.58 -4.01
CA LEU A 151 17.31 -2.90 -4.39
C LEU A 151 18.26 -2.68 -3.22
N PRO A 152 18.69 -3.77 -2.57
CA PRO A 152 19.74 -3.68 -1.54
C PRO A 152 21.02 -3.19 -2.22
N PHE A 153 21.75 -2.30 -1.56
CA PHE A 153 22.96 -1.75 -2.16
C PHE A 153 23.97 -1.27 -1.13
N LEU A 154 25.22 -1.13 -1.57
CA LEU A 154 26.28 -0.61 -0.73
C LEU A 154 26.62 0.80 -1.21
N PRO A 155 26.20 1.81 -0.43
CA PRO A 155 26.33 3.21 -0.81
C PRO A 155 27.77 3.59 -1.10
N SER A 156 27.97 4.34 -2.18
CA SER A 156 29.30 4.78 -2.55
C SER A 156 29.21 6.08 -3.33
N THR A 157 30.30 6.83 -3.37
CA THR A 157 30.37 8.07 -4.13
C THR A 157 30.47 7.79 -5.62
N GLU A 158 30.74 6.53 -5.97
CA GLU A 158 31.04 6.15 -7.35
C GLU A 158 29.82 5.67 -8.14
N ASP A 159 28.72 5.39 -7.45
CA ASP A 159 27.53 4.86 -8.10
C ASP A 159 26.34 5.81 -8.08
N VAL A 160 25.63 5.87 -9.20
CA VAL A 160 24.33 6.54 -9.26
C VAL A 160 23.27 5.51 -9.62
N TYR A 161 22.03 5.76 -9.20
CA TYR A 161 20.95 4.82 -9.47
C TYR A 161 19.75 5.51 -10.11
N ASP A 162 18.98 4.73 -10.85
CA ASP A 162 17.70 5.19 -11.37
C ASP A 162 16.69 4.06 -11.31
N CYS A 163 15.44 4.40 -11.01
CA CYS A 163 14.34 3.47 -11.20
C CYS A 163 13.62 3.86 -12.48
N ARG A 164 13.57 2.93 -13.44
CA ARG A 164 12.92 3.22 -14.70
C ARG A 164 11.57 2.52 -14.80
N VAL A 165 10.53 3.29 -15.03
CA VAL A 165 9.18 2.75 -15.04
C VAL A 165 8.51 2.97 -16.40
N GLU A 166 8.02 1.90 -16.99
CA GLU A 166 7.28 1.99 -18.24
C GLU A 166 5.82 1.68 -17.94
N HIS A 167 4.94 2.50 -18.48
CA HIS A 167 3.51 2.31 -18.32
C HIS A 167 2.85 2.92 -19.54
N TRP A 168 1.74 2.33 -19.97
CA TRP A 168 1.05 2.76 -21.18
C TRP A 168 0.57 4.21 -21.14
N GLY A 169 0.43 4.75 -19.93
CA GLY A 169 0.02 6.13 -19.77
C GLY A 169 1.18 7.11 -19.94
N LEU A 170 2.40 6.58 -20.03
CA LEU A 170 3.58 7.40 -20.23
C LEU A 170 4.02 7.42 -21.69
N ASP A 171 4.41 8.58 -22.18
CA ASP A 171 4.91 8.73 -23.54
C ASP A 171 6.33 8.18 -23.67
N GLU A 172 7.09 8.29 -22.59
CA GLU A 172 8.44 7.75 -22.53
C GLU A 172 8.66 7.16 -21.14
N PRO A 173 9.67 6.30 -20.97
CA PRO A 173 9.90 5.76 -19.63
C PRO A 173 10.24 6.86 -18.64
N LEU A 174 9.80 6.67 -17.40
CA LEU A 174 10.04 7.65 -16.35
C LEU A 174 11.25 7.22 -15.53
N LEU A 175 12.25 8.09 -15.44
CA LEU A 175 13.41 7.80 -14.63
C LEU A 175 13.49 8.69 -13.40
N LYS A 176 13.59 8.07 -12.23
CA LYS A 176 13.79 8.81 -11.00
C LYS A 176 15.15 8.43 -10.45
N HIS A 177 15.95 9.47 -10.17
CA HIS A 177 17.37 9.33 -9.88
C HIS A 177 17.62 9.30 -8.38
N TRP A 178 18.68 8.59 -8.00
CA TRP A 178 19.22 8.72 -6.64
C TRP A 178 20.74 8.70 -6.65
N GLU A 179 21.35 9.58 -5.89
CA GLU A 179 22.78 9.52 -5.64
C GLU A 179 23.18 10.04 -4.27
N PHE A 180 24.35 9.61 -3.80
CA PHE A 180 24.87 9.94 -2.48
C PHE A 180 25.10 11.42 -2.18
N ASP A 181 24.51 11.90 -1.07
CA ASP A 181 24.56 13.31 -0.68
C ASP A 181 23.90 14.23 -1.69
N ASP B 4 2.22 -2.07 -27.26
CA ASP B 4 0.90 -2.67 -27.17
C ASP B 4 -0.15 -1.61 -26.84
N THR B 5 -0.91 -1.21 -27.85
CA THR B 5 -1.89 -0.14 -27.72
C THR B 5 -3.31 -0.69 -27.63
N ARG B 6 -3.43 -2.02 -27.60
CA ARG B 6 -4.72 -2.68 -27.50
C ARG B 6 -5.45 -2.19 -26.25
N PRO B 7 -6.76 -1.95 -26.37
CA PRO B 7 -7.56 -1.50 -25.22
C PRO B 7 -7.60 -2.54 -24.10
N ARG B 8 -7.59 -2.05 -22.86
CA ARG B 8 -7.65 -2.90 -21.69
C ARG B 8 -9.01 -2.77 -21.00
N PHE B 9 -9.40 -3.84 -20.31
CA PHE B 9 -10.64 -3.85 -19.56
C PHE B 9 -10.36 -4.48 -18.21
N LEU B 10 -10.77 -3.81 -17.14
CA LEU B 10 -10.39 -4.25 -15.81
C LEU B 10 -11.63 -4.44 -14.93
N GLU B 11 -11.67 -5.58 -14.25
CA GLU B 11 -12.68 -5.83 -13.22
C GLU B 11 -11.98 -5.88 -11.87
N GLN B 12 -12.56 -5.20 -10.88
CA GLN B 12 -12.05 -5.31 -9.52
C GLN B 12 -13.17 -5.68 -8.56
N VAL B 13 -12.79 -6.40 -7.50
CA VAL B 13 -13.70 -6.66 -6.40
C VAL B 13 -12.97 -6.38 -5.10
N LYS B 14 -13.62 -5.67 -4.18
CA LYS B 14 -13.04 -5.44 -2.86
C LYS B 14 -14.03 -5.80 -1.77
N HIS B 15 -13.68 -6.79 -0.97
CA HIS B 15 -14.51 -7.21 0.15
C HIS B 15 -13.90 -6.59 1.39
N GLU B 16 -14.59 -5.59 1.95
CA GLU B 16 -13.99 -4.78 3.00
C GLU B 16 -14.63 -5.02 4.36
N CYS B 17 -13.79 -5.12 5.38
CA CYS B 17 -14.26 -5.24 6.76
C CYS B 17 -13.74 -4.04 7.56
N HIS B 18 -14.66 -3.27 8.12
CA HIS B 18 -14.29 -2.08 8.87
C HIS B 18 -14.57 -2.28 10.36
N PHE B 19 -13.56 -2.05 11.19
CA PHE B 19 -13.67 -2.36 12.60
C PHE B 19 -13.61 -1.11 13.46
N PHE B 20 -14.52 -1.05 14.43
CA PHE B 20 -14.62 0.07 15.37
C PHE B 20 -14.63 -0.52 16.77
N ASN B 21 -13.73 -0.04 17.63
CA ASN B 21 -13.68 -0.52 19.01
C ASN B 21 -13.50 -2.05 19.09
N GLY B 22 -12.37 -2.53 18.60
CA GLY B 22 -12.14 -3.96 18.51
C GLY B 22 -13.07 -4.57 17.47
N THR B 23 -13.85 -5.56 17.90
CA THR B 23 -14.85 -6.16 17.03
C THR B 23 -16.27 -5.83 17.52
N GLU B 24 -16.38 -4.80 18.35
CA GLU B 24 -17.66 -4.41 18.93
C GLU B 24 -18.63 -3.89 17.86
N ARG B 25 -18.12 -3.10 16.93
CA ARG B 25 -18.92 -2.60 15.83
C ARG B 25 -18.18 -2.91 14.53
N VAL B 26 -18.86 -3.59 13.59
CA VAL B 26 -18.24 -4.03 12.35
C VAL B 26 -19.12 -3.73 11.13
N ARG B 27 -18.50 -3.27 10.06
CA ARG B 27 -19.20 -3.02 8.81
C ARG B 27 -18.56 -3.78 7.64
N PHE B 28 -19.38 -4.42 6.83
CA PHE B 28 -18.89 -5.22 5.70
C PHE B 28 -19.36 -4.59 4.39
N LEU B 29 -18.42 -4.40 3.47
CA LEU B 29 -18.76 -3.90 2.15
C LEU B 29 -18.30 -4.84 1.04
N ASP B 30 -19.23 -5.25 0.20
CA ASP B 30 -18.91 -6.09 -0.94
C ASP B 30 -19.01 -5.17 -2.15
N ARG B 31 -17.87 -4.83 -2.73
CA ARG B 31 -17.82 -3.74 -3.71
C ARG B 31 -17.31 -4.25 -5.05
N TYR B 32 -18.01 -3.91 -6.11
CA TYR B 32 -17.60 -4.36 -7.44
C TYR B 32 -17.24 -3.17 -8.34
N PHE B 33 -16.15 -3.29 -9.10
CA PHE B 33 -15.66 -2.17 -9.90
C PHE B 33 -15.38 -2.57 -11.34
N TYR B 34 -15.71 -1.66 -12.26
CA TYR B 34 -15.31 -1.78 -13.65
C TYR B 34 -14.37 -0.62 -13.97
N HIS B 35 -13.12 -0.93 -14.29
CA HIS B 35 -12.06 0.09 -14.28
C HIS B 35 -11.89 0.71 -12.90
N GLN B 36 -12.20 2.00 -12.78
CA GLN B 36 -12.15 2.68 -11.49
C GLN B 36 -13.55 2.91 -10.94
N GLU B 37 -14.56 2.55 -11.72
CA GLU B 37 -15.94 2.84 -11.39
C GLU B 37 -16.63 1.78 -10.54
N GLU B 38 -16.92 2.10 -9.28
CA GLU B 38 -17.73 1.20 -8.47
C GLU B 38 -19.13 1.24 -9.07
N TYR B 39 -19.67 0.07 -9.41
CA TYR B 39 -20.98 0.04 -10.04
C TYR B 39 -22.09 -0.60 -9.20
N VAL B 40 -21.71 -1.44 -8.24
CA VAL B 40 -22.67 -2.06 -7.33
C VAL B 40 -21.98 -2.44 -6.03
N ARG B 41 -22.72 -2.41 -4.93
CA ARG B 41 -22.16 -2.75 -3.62
C ARG B 41 -23.18 -3.35 -2.66
N PHE B 42 -22.71 -4.24 -1.79
CA PHE B 42 -23.48 -4.66 -0.63
C PHE B 42 -22.91 -3.96 0.60
N ASP B 43 -23.76 -3.23 1.30
CA ASP B 43 -23.40 -2.57 2.54
C ASP B 43 -24.16 -3.28 3.66
N SER B 44 -23.44 -3.77 4.66
CA SER B 44 -24.07 -4.48 5.77
C SER B 44 -25.05 -3.59 6.55
N ASP B 45 -24.87 -2.28 6.42
CA ASP B 45 -25.79 -1.31 7.00
C ASP B 45 -27.17 -1.40 6.35
N VAL B 46 -27.21 -1.90 5.12
CA VAL B 46 -28.44 -1.97 4.35
C VAL B 46 -29.00 -3.38 4.29
N GLY B 47 -28.15 -4.35 3.93
CA GLY B 47 -28.55 -5.75 3.94
C GLY B 47 -28.98 -6.18 2.56
N GLU B 48 -28.77 -5.32 1.57
CA GLU B 48 -29.03 -5.64 0.18
C GLU B 48 -28.01 -4.96 -0.72
N TYR B 49 -27.88 -5.45 -1.94
CA TYR B 49 -27.05 -4.78 -2.93
C TYR B 49 -27.75 -3.51 -3.43
N ARG B 50 -26.97 -2.48 -3.72
CA ARG B 50 -27.48 -1.26 -4.31
C ARG B 50 -26.59 -0.82 -5.45
N ALA B 51 -27.19 -0.44 -6.57
CA ALA B 51 -26.42 0.07 -7.69
C ALA B 51 -25.78 1.39 -7.29
N VAL B 52 -24.50 1.55 -7.61
CA VAL B 52 -23.80 2.80 -7.37
C VAL B 52 -23.86 3.67 -8.61
N THR B 53 -23.82 3.00 -9.77
CA THR B 53 -24.01 3.67 -11.05
C THR B 53 -25.03 2.88 -11.87
N GLU B 54 -25.43 3.46 -12.99
CA GLU B 54 -26.39 2.86 -13.89
C GLU B 54 -25.95 1.48 -14.37
N LEU B 55 -24.64 1.33 -14.52
CA LEU B 55 -24.00 0.09 -14.94
C LEU B 55 -24.30 -1.12 -14.04
N GLY B 56 -24.58 -0.85 -12.76
CA GLY B 56 -24.77 -1.92 -11.79
C GLY B 56 -26.19 -2.34 -11.45
N ARG B 57 -27.18 -1.67 -12.04
CA ARG B 57 -28.59 -1.96 -11.75
C ARG B 57 -29.01 -3.41 -12.03
N PRO B 58 -28.59 -3.99 -13.18
CA PRO B 58 -29.01 -5.37 -13.42
C PRO B 58 -28.45 -6.32 -12.36
N ASP B 59 -27.23 -6.06 -11.89
CA ASP B 59 -26.60 -6.91 -10.90
C ASP B 59 -27.26 -6.78 -9.53
N ALA B 60 -27.60 -5.56 -9.16
CA ALA B 60 -28.30 -5.30 -7.90
C ALA B 60 -29.61 -6.09 -7.84
N GLU B 61 -30.36 -6.03 -8.92
CA GLU B 61 -31.67 -6.69 -9.01
C GLU B 61 -31.55 -8.22 -9.04
N TYR B 62 -30.58 -8.72 -9.79
CA TYR B 62 -30.39 -10.16 -9.90
C TYR B 62 -29.92 -10.76 -8.57
N TRP B 63 -28.91 -10.12 -7.97
CA TRP B 63 -28.34 -10.62 -6.72
C TRP B 63 -29.31 -10.52 -5.55
N ASN B 64 -30.11 -9.45 -5.53
CA ASN B 64 -31.10 -9.27 -4.46
C ASN B 64 -32.25 -10.28 -4.54
N SER B 65 -32.40 -10.93 -5.69
CA SER B 65 -33.45 -11.94 -5.84
C SER B 65 -33.01 -13.30 -5.30
N GLN B 66 -31.74 -13.39 -4.92
CA GLN B 66 -31.17 -14.63 -4.40
C GLN B 66 -31.00 -14.59 -2.89
N LYS B 67 -31.98 -15.14 -2.19
CA LYS B 67 -32.02 -15.09 -0.73
C LYS B 67 -30.83 -15.75 -0.04
N ASP B 68 -30.37 -16.85 -0.62
CA ASP B 68 -29.22 -17.57 -0.09
C ASP B 68 -27.94 -16.73 -0.17
N LEU B 69 -27.77 -16.05 -1.30
CA LEU B 69 -26.64 -15.15 -1.52
C LEU B 69 -26.65 -13.99 -0.52
N LEU B 70 -27.82 -13.36 -0.35
CA LEU B 70 -27.97 -12.23 0.57
C LEU B 70 -27.67 -12.62 2.00
N GLU B 71 -28.12 -13.81 2.42
CA GLU B 71 -27.86 -14.29 3.76
C GLU B 71 -26.38 -14.59 3.98
N GLN B 72 -25.70 -14.99 2.92
CA GLN B 72 -24.26 -15.18 2.98
C GLN B 72 -23.62 -13.84 3.28
N LYS B 73 -24.01 -12.83 2.50
CA LYS B 73 -23.45 -11.49 2.65
C LYS B 73 -23.82 -10.82 4.00
N ARG B 74 -25.04 -11.06 4.46
CA ARG B 74 -25.52 -10.51 5.73
C ARG B 74 -24.82 -11.07 6.97
N ALA B 75 -24.28 -12.28 6.83
CA ALA B 75 -23.60 -12.95 7.93
C ALA B 75 -22.11 -12.67 7.92
N ALA B 76 -21.65 -12.01 6.87
CA ALA B 76 -20.22 -11.81 6.64
C ALA B 76 -19.50 -11.09 7.77
N VAL B 77 -20.18 -10.14 8.42
CA VAL B 77 -19.57 -9.41 9.54
C VAL B 77 -19.09 -10.37 10.64
N ASP B 78 -19.79 -11.49 10.80
CA ASP B 78 -19.41 -12.50 11.78
C ASP B 78 -18.49 -13.57 11.19
N THR B 79 -18.94 -14.21 10.12
CA THR B 79 -18.26 -15.39 9.59
C THR B 79 -17.02 -15.03 8.77
N TYR B 80 -16.92 -13.77 8.38
CA TYR B 80 -15.83 -13.32 7.53
C TYR B 80 -14.99 -12.25 8.24
N CYS B 81 -15.61 -11.11 8.56
CA CYS B 81 -14.88 -10.00 9.18
C CYS B 81 -14.36 -10.32 10.58
N ARG B 82 -15.24 -10.66 11.51
CA ARG B 82 -14.83 -10.97 12.88
C ARG B 82 -13.91 -12.18 12.91
N HIS B 83 -14.17 -13.17 12.07
CA HIS B 83 -13.32 -14.35 11.99
C HIS B 83 -11.89 -14.01 11.60
N ASN B 84 -11.74 -13.28 10.49
CA ASN B 84 -10.41 -12.94 9.97
C ASN B 84 -9.65 -12.01 10.90
N TYR B 85 -10.38 -11.14 11.60
CA TYR B 85 -9.77 -10.25 12.58
C TYR B 85 -9.09 -11.11 13.65
N GLY B 86 -9.79 -12.13 14.12
CA GLY B 86 -9.29 -13.05 15.12
C GLY B 86 -8.06 -13.82 14.69
N VAL B 87 -8.03 -14.19 13.41
CA VAL B 87 -6.95 -14.97 12.81
C VAL B 87 -5.63 -14.21 12.73
N GLY B 88 -5.73 -12.94 12.39
CA GLY B 88 -4.59 -12.10 12.08
C GLY B 88 -4.22 -11.10 13.15
N GLU B 89 -5.04 -11.01 14.20
CA GLU B 89 -4.91 -9.99 15.24
C GLU B 89 -3.54 -9.90 15.92
N SER B 90 -2.96 -11.05 16.25
CA SER B 90 -1.70 -11.08 17.00
C SER B 90 -0.52 -10.46 16.25
N PHE B 91 -0.57 -10.48 14.92
CA PHE B 91 0.54 -9.93 14.12
C PHE B 91 0.16 -8.74 13.24
N THR B 92 -1.05 -8.22 13.40
CA THR B 92 -1.48 -7.04 12.64
C THR B 92 -1.93 -5.96 13.61
N VAL B 93 -3.09 -6.18 14.22
CA VAL B 93 -3.63 -5.27 15.22
C VAL B 93 -2.63 -5.00 16.34
N GLN B 94 -1.97 -6.06 16.78
CA GLN B 94 -1.05 -5.97 17.92
C GLN B 94 0.39 -5.70 17.50
N ARG B 95 0.64 -5.54 16.21
CA ARG B 95 2.00 -5.28 15.73
C ARG B 95 2.50 -3.92 16.20
N ARG B 96 3.66 -3.91 16.86
CA ARG B 96 4.25 -2.66 17.32
C ARG B 96 5.77 -2.63 17.16
N VAL B 97 6.32 -1.71 16.37
CA VAL B 97 7.77 -1.64 16.31
C VAL B 97 8.23 -0.21 16.56
N TYR B 98 9.07 0.04 17.57
CA TYR B 98 9.52 1.41 17.80
C TYR B 98 10.27 1.87 16.55
N PRO B 99 10.44 3.19 16.40
CA PRO B 99 11.34 3.88 15.46
C PRO B 99 12.80 4.01 15.92
N GLU B 100 13.71 3.95 14.95
CA GLU B 100 15.08 4.36 15.16
C GLU B 100 15.14 5.83 14.81
N VAL B 101 15.75 6.64 15.69
CA VAL B 101 15.80 8.08 15.47
C VAL B 101 17.22 8.61 15.35
N THR B 102 17.50 9.29 14.24
CA THR B 102 18.79 9.89 13.98
C THR B 102 18.63 11.36 13.65
N VAL B 103 19.49 12.21 14.22
CA VAL B 103 19.51 13.61 13.85
C VAL B 103 20.83 13.95 13.17
N TYR B 104 20.73 14.58 12.01
CA TYR B 104 21.88 15.06 11.25
C TYR B 104 21.62 16.40 10.57
N PRO B 105 22.68 17.20 10.40
CA PRO B 105 22.50 18.51 9.77
C PRO B 105 22.46 18.38 8.25
N ALA B 106 21.79 19.33 7.60
CA ALA B 106 21.68 19.36 6.16
C ALA B 106 21.67 20.79 5.63
N LYS B 107 21.50 20.92 4.33
CA LYS B 107 21.50 22.22 3.67
C LYS B 107 20.24 22.39 2.84
N THR B 108 19.68 23.60 2.91
CA THR B 108 18.52 23.99 2.10
C THR B 108 18.97 24.25 0.67
N GLN B 109 20.18 24.77 0.54
CA GLN B 109 20.79 24.99 -0.77
C GLN B 109 22.22 24.47 -0.63
N PRO B 110 22.75 23.83 -1.68
CA PRO B 110 24.05 23.16 -1.65
C PRO B 110 25.24 24.00 -1.16
N LEU B 111 25.36 25.24 -1.62
CA LEU B 111 26.51 26.10 -1.30
C LEU B 111 26.61 26.63 0.14
N GLN B 112 25.46 26.81 0.78
CA GLN B 112 25.34 27.45 2.10
C GLN B 112 25.74 26.60 3.28
N HIS B 113 26.02 27.26 4.40
CA HIS B 113 26.31 26.56 5.63
C HIS B 113 25.09 25.79 6.07
N HIS B 114 25.30 24.89 7.02
CA HIS B 114 24.23 24.09 7.59
C HIS B 114 23.08 24.92 8.18
N ASN B 115 21.88 24.75 7.64
CA ASN B 115 20.73 25.54 8.06
C ASN B 115 19.49 24.67 8.11
N LEU B 116 19.70 23.35 8.16
CA LEU B 116 18.59 22.40 8.24
C LEU B 116 18.96 21.27 9.18
N LEU B 117 18.11 21.00 10.17
CA LEU B 117 18.32 19.86 11.04
C LEU B 117 17.27 18.81 10.70
N VAL B 118 17.74 17.62 10.35
CA VAL B 118 16.86 16.53 9.98
C VAL B 118 16.68 15.52 11.10
N CYS B 119 15.42 15.28 11.47
CA CYS B 119 15.11 14.20 12.38
C CYS B 119 14.56 13.05 11.55
N SER B 120 15.37 12.01 11.40
CA SER B 120 14.98 10.87 10.59
C SER B 120 14.41 9.79 11.48
N VAL B 121 13.15 9.46 11.27
CA VAL B 121 12.45 8.49 12.09
C VAL B 121 12.10 7.29 11.22
N ASN B 122 12.72 6.15 11.51
CA ASN B 122 12.68 5.02 10.58
C ASN B 122 12.22 3.70 11.20
N GLY B 123 11.49 2.91 10.40
CA GLY B 123 11.22 1.52 10.72
C GLY B 123 10.08 1.26 11.68
N PHE B 124 9.20 2.23 11.87
CA PHE B 124 8.16 2.09 12.90
C PHE B 124 6.83 1.55 12.37
N TYR B 125 6.04 1.00 13.29
CA TYR B 125 4.68 0.55 13.00
C TYR B 125 3.87 0.56 14.30
N PRO B 126 2.62 1.04 14.23
CA PRO B 126 1.92 1.55 13.05
C PRO B 126 2.30 2.97 12.65
N GLY B 127 1.52 3.55 11.74
CA GLY B 127 1.85 4.81 11.11
C GLY B 127 1.64 6.02 11.99
N SER B 128 0.74 5.91 12.95
CA SER B 128 0.42 7.04 13.84
C SER B 128 1.66 7.43 14.63
N ILE B 129 2.11 8.67 14.42
CA ILE B 129 3.30 9.18 15.10
C ILE B 129 3.26 10.69 15.27
N GLU B 130 3.91 11.19 16.32
CA GLU B 130 4.04 12.62 16.54
C GLU B 130 5.50 12.97 16.77
N VAL B 131 6.03 13.86 15.93
CA VAL B 131 7.42 14.27 16.03
C VAL B 131 7.49 15.78 16.25
N ARG B 132 8.23 16.20 17.28
CA ARG B 132 8.35 17.62 17.59
C ARG B 132 9.79 18.04 17.81
N TRP B 133 10.08 19.30 17.48
CA TRP B 133 11.41 19.85 17.66
C TRP B 133 11.50 20.79 18.85
N PHE B 134 12.62 20.76 19.54
CA PHE B 134 12.84 21.65 20.67
C PHE B 134 14.20 22.31 20.54
N ARG B 135 14.26 23.60 20.88
CA ARG B 135 15.53 24.32 20.94
C ARG B 135 15.69 24.79 22.38
N ASN B 136 16.72 24.27 23.05
CA ASN B 136 16.96 24.52 24.47
C ASN B 136 15.74 24.31 25.37
N GLY B 137 15.00 23.23 25.12
CA GLY B 137 13.88 22.83 25.95
C GLY B 137 12.55 23.46 25.63
N GLN B 138 12.55 24.37 24.64
CA GLN B 138 11.34 25.04 24.22
C GLN B 138 10.95 24.52 22.83
N GLU B 139 9.69 24.15 22.65
CA GLU B 139 9.25 23.63 21.37
C GLU B 139 9.34 24.70 20.30
N GLU B 140 9.90 24.33 19.16
CA GLU B 140 9.98 25.20 18.00
C GLU B 140 8.95 24.72 16.98
N LYS B 141 7.95 25.55 16.75
CA LYS B 141 6.87 25.23 15.82
C LYS B 141 7.00 25.93 14.47
N THR B 142 7.92 26.89 14.38
CA THR B 142 8.15 27.60 13.13
C THR B 142 9.26 26.93 12.33
N GLY B 143 9.18 27.00 11.01
CA GLY B 143 10.20 26.45 10.15
C GLY B 143 10.27 24.94 10.14
N VAL B 144 9.15 24.28 10.39
CA VAL B 144 9.14 22.82 10.37
C VAL B 144 8.47 22.30 9.09
N VAL B 145 9.20 21.45 8.38
CA VAL B 145 8.71 20.84 7.16
C VAL B 145 9.00 19.34 7.22
N SER B 146 8.15 18.53 6.62
CA SER B 146 8.32 17.09 6.67
C SER B 146 8.07 16.43 5.32
N THR B 147 8.56 15.21 5.18
CA THR B 147 8.24 14.36 4.04
C THR B 147 6.79 13.89 4.17
N GLY B 148 6.26 13.97 5.39
CA GLY B 148 4.99 13.33 5.72
C GLY B 148 5.24 11.87 6.04
N LEU B 149 4.16 11.12 6.23
CA LEU B 149 4.30 9.71 6.56
C LEU B 149 4.55 8.87 5.32
N ILE B 150 5.66 8.15 5.31
CA ILE B 150 6.04 7.32 4.18
C ILE B 150 5.92 5.83 4.50
N GLN B 151 5.11 5.13 3.70
CA GLN B 151 5.04 3.68 3.79
C GLN B 151 6.20 3.06 3.04
N ASN B 152 6.86 2.08 3.65
CA ASN B 152 7.97 1.41 3.00
C ASN B 152 7.54 0.16 2.23
N GLY B 153 6.29 -0.25 2.45
CA GLY B 153 5.70 -1.37 1.73
C GLY B 153 5.98 -2.70 2.40
N ASP B 154 6.71 -2.68 3.51
CA ASP B 154 7.13 -3.90 4.18
C ASP B 154 6.70 -3.93 5.65
N TRP B 155 5.56 -3.30 5.92
CA TRP B 155 5.02 -3.19 7.29
C TRP B 155 5.87 -2.33 8.20
N THR B 156 6.59 -1.37 7.62
CA THR B 156 7.26 -0.33 8.40
C THR B 156 7.05 1.03 7.75
N PHE B 157 7.14 2.08 8.55
CA PHE B 157 7.04 3.44 8.04
C PHE B 157 8.31 4.21 8.29
N GLN B 158 8.42 5.36 7.66
CA GLN B 158 9.44 6.35 8.01
C GLN B 158 8.90 7.75 7.80
N THR B 159 9.58 8.72 8.39
CA THR B 159 9.30 10.13 8.14
C THR B 159 10.52 10.97 8.46
N LEU B 160 10.75 12.02 7.68
CA LEU B 160 11.78 12.97 8.00
C LEU B 160 11.10 14.24 8.46
N VAL B 161 11.53 14.75 9.61
CA VAL B 161 10.97 16.01 10.11
C VAL B 161 12.12 16.99 10.26
N MET B 162 12.08 18.02 9.43
CA MET B 162 13.15 18.99 9.34
C MET B 162 12.84 20.33 9.99
N LEU B 163 13.85 20.90 10.63
CA LEU B 163 13.73 22.21 11.25
C LEU B 163 14.68 23.18 10.57
N GLU B 164 14.13 24.22 9.96
CA GLU B 164 14.95 25.26 9.38
C GLU B 164 15.42 26.19 10.49
N THR B 165 16.73 26.26 10.68
CA THR B 165 17.33 27.00 11.77
C THR B 165 18.79 27.26 11.48
N VAL B 166 19.34 28.33 12.06
CA VAL B 166 20.76 28.59 12.00
C VAL B 166 21.34 28.27 13.37
N PRO B 167 21.97 27.09 13.51
CA PRO B 167 22.49 26.66 14.80
C PRO B 167 23.55 27.60 15.34
N ARG B 168 23.42 27.95 16.62
CA ARG B 168 24.41 28.78 17.29
C ARG B 168 25.17 27.95 18.32
N SER B 169 26.43 28.28 18.54
CA SER B 169 27.26 27.56 19.50
C SER B 169 26.59 27.51 20.88
N GLY B 170 26.54 26.33 21.48
CA GLY B 170 25.96 26.17 22.80
C GLY B 170 24.53 25.65 22.77
N GLU B 171 23.80 25.98 21.71
CA GLU B 171 22.41 25.56 21.57
C GLU B 171 22.31 24.04 21.58
N VAL B 172 21.29 23.52 22.25
CA VAL B 172 21.02 22.09 22.16
C VAL B 172 19.62 21.90 21.57
N TYR B 173 19.57 21.17 20.46
CA TYR B 173 18.31 20.86 19.81
C TYR B 173 17.90 19.45 20.18
N THR B 174 16.59 19.24 20.30
CA THR B 174 16.07 17.92 20.65
C THR B 174 14.93 17.53 19.74
N CYS B 175 15.01 16.33 19.17
CA CYS B 175 13.89 15.77 18.45
C CYS B 175 13.15 14.80 19.36
N GLN B 176 11.85 14.98 19.48
CA GLN B 176 11.05 14.16 20.38
C GLN B 176 10.01 13.37 19.61
N VAL B 177 9.92 12.08 19.88
CA VAL B 177 9.05 11.20 19.12
C VAL B 177 8.09 10.46 20.03
N GLU B 178 6.80 10.53 19.72
CA GLU B 178 5.79 9.77 20.46
C GLU B 178 5.12 8.78 19.51
N HIS B 179 4.87 7.57 20.01
CA HIS B 179 4.41 6.48 19.17
C HIS B 179 3.82 5.40 20.07
N PRO B 180 2.82 4.65 19.58
CA PRO B 180 2.16 3.61 20.38
C PRO B 180 3.12 2.55 20.91
N SER B 181 4.25 2.37 20.24
CA SER B 181 5.22 1.36 20.64
C SER B 181 6.04 1.85 21.82
N LEU B 182 5.94 3.14 22.12
CA LEU B 182 6.73 3.74 23.18
C LEU B 182 5.87 4.01 24.42
N THR B 183 6.49 3.91 25.60
CA THR B 183 5.78 4.15 26.86
C THR B 183 6.09 5.53 27.41
N SER B 184 7.08 6.19 26.81
CA SER B 184 7.44 7.56 27.13
C SER B 184 8.11 8.15 25.91
N PRO B 185 8.15 9.49 25.78
CA PRO B 185 8.74 10.07 24.57
C PRO B 185 10.20 9.65 24.36
N LEU B 186 10.55 9.40 23.11
CA LEU B 186 11.92 9.10 22.72
C LEU B 186 12.58 10.40 22.26
N THR B 187 13.71 10.74 22.87
CA THR B 187 14.38 11.99 22.52
C THR B 187 15.82 11.78 22.04
N VAL B 188 16.21 12.56 21.04
CA VAL B 188 17.58 12.56 20.55
C VAL B 188 18.08 14.01 20.47
N GLU B 189 19.23 14.27 21.09
CA GLU B 189 19.78 15.62 21.10
C GLU B 189 20.82 15.83 20.01
N TRP B 190 20.96 17.07 19.57
CA TRP B 190 22.03 17.45 18.65
C TRP B 190 22.62 18.79 19.07
N ARG B 191 23.95 18.83 19.18
CA ARG B 191 24.66 20.04 19.57
C ARG B 191 25.52 20.55 18.43
N ALA B 192 25.55 21.87 18.26
CA ALA B 192 26.50 22.51 17.36
C ALA B 192 27.83 22.71 18.08
N GLY C 1 -4.93 -20.12 12.87
CA GLY C 1 -6.26 -20.03 12.28
C GLY C 1 -6.20 -19.96 10.77
N VAL C 2 -7.37 -20.10 10.14
CA VAL C 2 -7.45 -20.07 8.69
C VAL C 2 -8.23 -18.85 8.21
N TYR C 3 -7.64 -18.09 7.29
CA TYR C 3 -8.33 -16.95 6.69
C TYR C 3 -9.49 -17.43 5.81
N ALA C 4 -10.65 -16.82 5.97
CA ALA C 4 -11.82 -17.15 5.17
C ALA C 4 -11.93 -16.23 3.96
N THR C 5 -12.45 -16.77 2.86
CA THR C 5 -12.55 -16.01 1.62
C THR C 5 -13.95 -15.45 1.39
N SER C 7 -16.82 -14.76 -1.00
CA SER C 7 -16.80 -15.05 -2.43
C SER C 7 -17.27 -13.89 -3.29
N SER C 8 -17.00 -13.97 -4.58
CA SER C 8 -17.45 -12.96 -5.53
C SER C 8 -18.70 -13.45 -6.25
N ALA C 9 -19.75 -12.63 -6.25
CA ALA C 9 -21.02 -13.01 -6.84
C ALA C 9 -20.96 -13.06 -8.36
N VAL C 10 -21.55 -14.09 -8.94
CA VAL C 10 -21.61 -14.25 -10.38
C VAL C 10 -22.78 -13.45 -10.95
N ARG C 11 -22.52 -12.63 -11.95
CA ARG C 11 -23.58 -11.86 -12.59
C ARG C 11 -24.30 -12.66 -13.66
N LEU C 12 -25.47 -12.16 -14.06
CA LEU C 12 -26.36 -12.86 -14.98
C LEU C 12 -25.85 -12.80 -16.42
N ARG C 13 -26.27 -13.78 -17.22
CA ARG C 13 -25.89 -13.90 -18.63
C ARG C 13 -24.40 -14.14 -18.81
#